data_3LRQ
#
_entry.id   3LRQ
#
_cell.length_a   72.544
_cell.length_b   34.922
_cell.length_c   86.709
_cell.angle_alpha   90.00
_cell.angle_beta   90.78
_cell.angle_gamma   90.00
#
_symmetry.space_group_name_H-M   'P 1 21 1'
#
loop_
_entity.id
_entity.type
_entity.pdbx_description
1 polymer 'E3 ubiquitin-protein ligase TRIM37'
2 non-polymer 'ZINC ION'
3 water water
#
_entity_poly.entity_id   1
_entity_poly.type   'polypeptide(L)'
_entity_poly.pdbx_seq_one_letter_code
;(MSE)GHHHHHHSH(MSE)DEQSVESIAEVFRCFIC(MSE)EKLRDARLCPHCSKLCCFSCIRRWLTEQRAQCPHCRAPL
QLRELVNCRWAEEVTQQLDTLQLCSLTKHEEN
;
_entity_poly.pdbx_strand_id   A,B,C,D
#
# COMPACT_ATOMS: atom_id res chain seq x y z
N HIS A 10 -5.19 35.64 12.18
CA HIS A 10 -6.19 34.98 11.35
C HIS A 10 -5.59 33.80 10.56
N ASP A 12 -3.39 31.35 12.33
CA ASP A 12 -3.58 30.30 13.31
C ASP A 12 -5.06 29.87 13.29
N GLU A 13 -5.95 30.84 13.10
CA GLU A 13 -7.39 30.61 12.97
C GLU A 13 -7.74 29.62 11.87
N GLN A 14 -7.12 29.82 10.70
CA GLN A 14 -7.45 28.99 9.56
C GLN A 14 -6.78 27.63 9.67
N SER A 15 -5.69 27.54 10.43
CA SER A 15 -5.09 26.23 10.69
C SER A 15 -6.02 25.41 11.58
N VAL A 16 -6.53 26.01 12.65
CA VAL A 16 -7.48 25.33 13.49
C VAL A 16 -8.66 24.83 12.67
N GLU A 17 -9.18 25.68 11.78
CA GLU A 17 -10.35 25.34 11.01
C GLU A 17 -10.05 24.21 10.04
N SER A 18 -8.84 24.22 9.49
CA SER A 18 -8.45 23.12 8.62
C SER A 18 -8.42 21.77 9.35
N ILE A 19 -7.91 21.76 10.59
CA ILE A 19 -7.94 20.56 11.41
C ILE A 19 -9.38 20.15 11.75
N ALA A 20 -10.19 21.12 12.16
CA ALA A 20 -11.56 20.79 12.53
C ALA A 20 -12.29 20.13 11.38
N GLU A 21 -11.97 20.57 10.15
CA GLU A 21 -12.66 20.06 8.97
C GLU A 21 -12.33 18.58 8.82
N VAL A 22 -11.09 18.21 9.13
CA VAL A 22 -10.73 16.79 9.06
C VAL A 22 -11.57 15.95 10.04
N PHE A 23 -11.90 16.53 11.20
CA PHE A 23 -12.61 15.80 12.22
C PHE A 23 -14.10 16.11 12.25
N ARG A 24 -14.68 16.09 11.06
CA ARG A 24 -16.10 16.21 10.87
C ARG A 24 -16.59 14.91 10.27
N CYS A 25 -17.83 14.55 10.58
CA CYS A 25 -18.44 13.32 10.11
C CYS A 25 -18.66 13.35 8.59
N PHE A 26 -18.15 12.35 7.87
CA PHE A 26 -18.33 12.32 6.42
C PHE A 26 -19.82 12.33 6.13
N ILE A 27 -20.58 11.62 6.96
CA ILE A 27 -22.00 11.50 6.67
C ILE A 27 -22.84 12.75 6.96
N CYS A 28 -22.66 13.35 8.14
CA CYS A 28 -23.54 14.46 8.52
C CYS A 28 -22.79 15.78 8.52
N GLU A 30 -21.26 17.18 10.62
CA GLU A 30 -21.15 17.80 11.93
C GLU A 30 -19.88 17.36 12.63
N LYS A 31 -19.55 18.02 13.74
CA LYS A 31 -18.36 17.59 14.47
C LYS A 31 -18.66 16.21 15.03
N LEU A 32 -17.62 15.40 15.14
CA LEU A 32 -17.79 13.99 15.40
C LEU A 32 -18.31 13.73 16.81
N ARG A 33 -19.32 12.87 16.92
CA ARG A 33 -19.72 12.30 18.20
C ARG A 33 -19.48 10.78 18.19
N ASP A 34 -18.67 10.31 19.13
CA ASP A 34 -18.32 8.89 19.23
C ASP A 34 -17.77 8.38 17.87
N ALA A 35 -16.65 8.98 17.49
CA ALA A 35 -16.04 8.77 16.18
C ALA A 35 -15.78 7.31 15.94
N ARG A 36 -16.05 6.92 14.71
CA ARG A 36 -15.72 5.61 14.18
C ARG A 36 -15.00 5.84 12.85
N LEU A 37 -14.01 5.02 12.58
CA LEU A 37 -13.17 5.19 11.43
C LEU A 37 -13.30 3.96 10.53
N CYS A 38 -13.49 4.19 9.24
CA CYS A 38 -13.48 3.10 8.27
C CYS A 38 -12.06 2.58 8.07
N PRO A 39 -11.87 1.28 8.28
CA PRO A 39 -10.55 0.64 8.28
C PRO A 39 -9.91 0.68 6.91
N HIS A 40 -10.71 0.82 5.87
CA HIS A 40 -10.18 0.71 4.51
C HIS A 40 -9.75 2.03 3.93
N CYS A 41 -10.40 3.12 4.34
CA CYS A 41 -10.09 4.42 3.75
C CYS A 41 -9.79 5.49 4.80
N SER A 42 -10.07 5.17 6.06
CA SER A 42 -9.84 6.03 7.24
C SER A 42 -10.78 7.24 7.39
N LYS A 43 -11.83 7.31 6.58
CA LYS A 43 -12.85 8.33 6.82
C LYS A 43 -13.50 8.11 8.16
N LEU A 44 -13.79 9.21 8.84
CA LEU A 44 -14.42 9.20 10.16
C LEU A 44 -15.91 9.55 10.06
N CYS A 45 -16.74 8.84 10.84
CA CYS A 45 -18.16 9.13 11.04
C CYS A 45 -18.59 9.01 12.51
N CYS A 46 -19.61 9.77 12.89
CA CYS A 46 -20.25 9.56 14.18
C CYS A 46 -20.72 8.10 14.25
N PHE A 47 -20.67 7.51 15.44
CA PHE A 47 -21.15 6.15 15.57
C PHE A 47 -22.59 6.04 15.07
N SER A 48 -23.44 6.96 15.48
CA SER A 48 -24.85 6.82 15.17
C SER A 48 -25.07 6.95 13.68
N CYS A 49 -24.21 7.74 13.01
CA CYS A 49 -24.42 8.04 11.60
C CYS A 49 -24.03 6.84 10.81
N ILE A 50 -22.83 6.32 11.07
CA ILE A 50 -22.36 5.19 10.30
C ILE A 50 -23.24 3.98 10.64
N ARG A 51 -23.73 3.88 11.90
CA ARG A 51 -24.57 2.72 12.25
C ARG A 51 -25.82 2.75 11.40
N ARG A 52 -26.50 3.89 11.43
CA ARG A 52 -27.68 4.09 10.61
C ARG A 52 -27.36 3.83 9.11
N TRP A 53 -26.22 4.30 8.61
CA TRP A 53 -25.89 4.08 7.20
C TRP A 53 -25.82 2.58 6.88
N LEU A 54 -24.92 1.88 7.56
CA LEU A 54 -24.75 0.44 7.38
C LEU A 54 -26.04 -0.34 7.58
N THR A 55 -26.99 0.26 8.29
CA THR A 55 -28.13 -0.50 8.75
C THR A 55 -29.38 -0.18 7.93
N GLU A 56 -29.44 1.02 7.40
CA GLU A 56 -30.58 1.48 6.58
C GLU A 56 -30.22 1.83 5.15
N GLN A 57 -28.93 1.96 4.86
CA GLN A 57 -28.53 2.36 3.50
C GLN A 57 -27.90 1.18 2.75
N ARG A 58 -26.81 0.63 3.27
CA ARG A 58 -26.10 -0.47 2.59
C ARG A 58 -24.82 -0.78 3.34
N ALA A 59 -24.43 -2.05 3.35
CA ALA A 59 -23.26 -2.49 4.10
C ALA A 59 -21.95 -2.08 3.47
N GLN A 60 -21.80 -0.80 3.15
CA GLN A 60 -20.56 -0.29 2.57
C GLN A 60 -20.20 1.08 3.12
N CYS A 61 -18.91 1.40 3.09
CA CYS A 61 -18.44 2.68 3.56
C CYS A 61 -19.09 3.76 2.70
N PRO A 62 -19.63 4.81 3.33
CA PRO A 62 -20.33 5.83 2.53
C PRO A 62 -19.33 6.58 1.65
N HIS A 63 -18.06 6.61 2.01
CA HIS A 63 -17.06 7.28 1.19
C HIS A 63 -16.39 6.34 0.21
N CYS A 64 -15.83 5.24 0.68
CA CYS A 64 -14.97 4.48 -0.20
C CYS A 64 -15.71 3.31 -0.82
N ARG A 65 -16.91 3.03 -0.30
CA ARG A 65 -17.79 2.00 -0.85
C ARG A 65 -17.39 0.55 -0.57
N ALA A 66 -16.26 0.35 0.11
CA ALA A 66 -15.85 -0.99 0.50
C ALA A 66 -16.90 -1.68 1.38
N PRO A 67 -17.12 -2.98 1.18
CA PRO A 67 -17.97 -3.73 2.11
C PRO A 67 -17.52 -3.42 3.51
N LEU A 68 -18.45 -3.39 4.45
CA LEU A 68 -18.15 -2.91 5.78
C LEU A 68 -19.27 -3.30 6.70
N GLN A 69 -18.93 -3.96 7.80
CA GLN A 69 -19.89 -4.27 8.84
C GLN A 69 -19.57 -3.41 10.05
N LEU A 70 -20.60 -3.15 10.85
CA LEU A 70 -20.51 -2.28 12.02
C LEU A 70 -19.29 -2.64 12.88
N ARG A 71 -18.97 -3.93 12.96
CA ARG A 71 -17.92 -4.39 13.86
C ARG A 71 -16.50 -4.25 13.31
N GLU A 72 -16.37 -4.05 12.00
CA GLU A 72 -15.05 -3.77 11.44
C GLU A 72 -14.65 -2.30 11.66
N LEU A 73 -15.61 -1.48 12.09
CA LEU A 73 -15.32 -0.06 12.31
C LEU A 73 -14.36 0.12 13.47
N VAL A 74 -13.46 1.09 13.35
CA VAL A 74 -12.45 1.34 14.38
C VAL A 74 -12.88 2.49 15.27
N ASN A 75 -12.80 2.26 16.58
CA ASN A 75 -13.07 3.34 17.53
C ASN A 75 -11.85 4.26 17.61
N CYS A 76 -12.05 5.51 17.18
CA CYS A 76 -11.01 6.51 17.29
C CYS A 76 -11.06 7.12 18.69
N ARG A 77 -10.26 6.52 19.58
CA ARG A 77 -10.34 6.78 21.02
CA ARG A 77 -10.38 6.79 21.00
C ARG A 77 -9.97 8.20 21.41
N TRP A 78 -9.05 8.80 20.67
CA TRP A 78 -8.59 10.14 20.99
C TRP A 78 -9.47 11.21 20.33
N ALA A 79 -10.39 10.80 19.49
CA ALA A 79 -11.11 11.80 18.70
C ALA A 79 -11.86 12.83 19.55
N GLU A 80 -12.51 12.37 20.62
CA GLU A 80 -13.27 13.28 21.48
C GLU A 80 -12.40 14.36 22.17
N GLU A 81 -11.22 13.95 22.63
CA GLU A 81 -10.28 14.91 23.19
C GLU A 81 -9.85 15.93 22.14
N VAL A 82 -9.41 15.46 20.98
CA VAL A 82 -9.02 16.37 19.90
C VAL A 82 -10.16 17.33 19.58
N THR A 83 -11.36 16.78 19.48
CA THR A 83 -12.55 17.54 19.18
C THR A 83 -12.86 18.61 20.26
N GLN A 84 -12.65 18.27 21.52
CA GLN A 84 -12.87 19.25 22.58
C GLN A 84 -11.81 20.33 22.54
N GLN A 85 -10.56 19.91 22.38
CA GLN A 85 -9.48 20.89 22.24
C GLN A 85 -9.76 21.85 21.09
N LEU A 86 -10.21 21.34 19.95
CA LEU A 86 -10.51 22.19 18.80
C LEU A 86 -11.59 23.18 19.13
N ASP A 87 -12.57 22.76 19.93
CA ASP A 87 -13.61 23.66 20.40
C ASP A 87 -13.03 24.82 21.22
N THR A 88 -12.07 24.49 22.07
CA THR A 88 -11.44 25.47 22.94
C THR A 88 -10.71 26.49 22.08
N LEU A 89 -10.13 26.01 20.99
CA LEU A 89 -9.34 26.86 20.12
C LEU A 89 -10.22 27.81 19.32
N GLN A 90 -11.37 27.32 18.87
CA GLN A 90 -12.34 28.15 18.20
C GLN A 90 -13.04 28.97 19.28
N LEU A 91 -12.19 29.63 20.06
CA LEU A 91 -12.55 30.56 21.13
C LEU A 91 -13.99 30.38 21.61
N HIS B 10 -14.07 3.18 -23.54
CA HIS B 10 -13.53 3.34 -24.89
C HIS B 10 -12.75 2.10 -25.32
N ASP B 12 -11.25 -0.50 -22.91
CA ASP B 12 -11.06 -1.56 -21.93
C ASP B 12 -10.29 -2.77 -22.46
N GLU B 13 -10.88 -3.46 -23.43
CA GLU B 13 -10.27 -4.66 -24.01
C GLU B 13 -8.91 -4.35 -24.63
N GLN B 14 -8.84 -3.31 -25.44
CA GLN B 14 -7.60 -2.88 -26.08
C GLN B 14 -6.51 -2.60 -25.06
N SER B 15 -6.89 -2.49 -23.79
CA SER B 15 -5.93 -2.35 -22.70
C SER B 15 -5.70 -3.69 -22.03
N VAL B 16 -6.75 -4.50 -21.96
CA VAL B 16 -6.66 -5.86 -21.42
C VAL B 16 -5.76 -6.72 -22.29
N GLU B 17 -5.95 -6.62 -23.59
CA GLU B 17 -5.13 -7.35 -24.53
C GLU B 17 -3.70 -6.84 -24.50
N SER B 18 -3.53 -5.53 -24.46
CA SER B 18 -2.20 -4.92 -24.40
C SER B 18 -1.34 -5.48 -23.24
N ILE B 19 -1.98 -5.80 -22.11
CA ILE B 19 -1.30 -6.44 -20.99
C ILE B 19 -1.01 -7.91 -21.31
N ALA B 20 -1.99 -8.57 -21.94
CA ALA B 20 -1.80 -9.92 -22.43
C ALA B 20 -0.59 -9.99 -23.37
N GLU B 21 -0.29 -8.90 -24.06
CA GLU B 21 0.86 -8.89 -24.96
C GLU B 21 2.16 -9.05 -24.17
N VAL B 22 2.21 -8.41 -23.01
CA VAL B 22 3.37 -8.53 -22.13
C VAL B 22 3.56 -9.99 -21.73
N PHE B 23 2.45 -10.65 -21.38
CA PHE B 23 2.49 -11.98 -20.80
C PHE B 23 2.24 -13.07 -21.82
N ARG B 24 2.85 -12.92 -22.97
CA ARG B 24 2.90 -13.97 -23.97
C ARG B 24 4.35 -14.39 -24.05
N CYS B 25 4.57 -15.67 -24.34
CA CYS B 25 5.90 -16.21 -24.41
C CYS B 25 6.65 -15.56 -25.58
N PHE B 26 7.85 -15.05 -25.33
CA PHE B 26 8.58 -14.35 -26.37
C PHE B 26 8.86 -15.33 -27.52
N ILE B 27 9.08 -16.61 -27.17
CA ILE B 27 9.47 -17.63 -28.16
C ILE B 27 8.31 -18.17 -28.98
N CYS B 28 7.24 -18.63 -28.33
CA CYS B 28 6.14 -19.24 -29.09
C CYS B 28 4.92 -18.33 -29.20
N GLU B 30 2.68 -17.73 -27.24
CA GLU B 30 1.51 -18.33 -26.60
C GLU B 30 1.36 -17.76 -25.18
N LYS B 31 0.20 -18.04 -24.57
CA LYS B 31 0.05 -17.72 -23.17
C LYS B 31 1.10 -18.54 -22.41
N LEU B 32 1.84 -17.87 -21.55
CA LEU B 32 2.93 -18.47 -20.80
C LEU B 32 2.49 -19.72 -20.06
N ARG B 33 3.30 -20.77 -20.16
CA ARG B 33 3.13 -21.96 -19.34
C ARG B 33 4.44 -22.23 -18.59
N ASP B 34 4.38 -22.15 -17.26
CA ASP B 34 5.57 -22.28 -16.41
C ASP B 34 6.58 -21.15 -16.66
N ALA B 35 6.13 -19.91 -16.51
CA ALA B 35 6.91 -18.75 -16.95
C ALA B 35 8.33 -18.64 -16.37
N ARG B 36 9.25 -18.22 -17.23
CA ARG B 36 10.60 -17.91 -16.82
C ARG B 36 10.96 -16.53 -17.39
N LEU B 37 11.68 -15.75 -16.61
CA LEU B 37 11.98 -14.38 -16.97
C LEU B 37 13.51 -14.19 -17.13
N CYS B 38 13.94 -13.58 -18.23
CA CYS B 38 15.36 -13.31 -18.41
C CYS B 38 15.87 -12.28 -17.37
N PRO B 39 16.91 -12.63 -16.59
CA PRO B 39 17.31 -11.67 -15.54
C PRO B 39 17.92 -10.40 -16.11
N HIS B 40 18.33 -10.42 -17.38
CA HIS B 40 18.93 -9.23 -17.99
C HIS B 40 17.95 -8.27 -18.66
N CYS B 41 17.01 -8.79 -19.45
CA CYS B 41 16.06 -7.93 -20.19
C CYS B 41 14.65 -8.06 -19.62
N SER B 42 14.45 -9.06 -18.76
CA SER B 42 13.15 -9.35 -18.11
C SER B 42 12.03 -9.87 -19.04
N LYS B 43 12.34 -10.17 -20.30
CA LYS B 43 11.40 -10.90 -21.16
C LYS B 43 11.00 -12.27 -20.60
N LEU B 44 9.72 -12.63 -20.77
CA LEU B 44 9.13 -13.90 -20.30
C LEU B 44 9.09 -15.01 -21.38
N CYS B 45 9.22 -16.28 -20.97
CA CYS B 45 9.12 -17.46 -21.84
C CYS B 45 8.54 -18.64 -21.08
N CYS B 46 7.85 -19.55 -21.76
CA CYS B 46 7.48 -20.82 -21.12
C CYS B 46 8.77 -21.53 -20.69
N PHE B 47 8.78 -22.19 -19.53
CA PHE B 47 9.94 -23.03 -19.21
C PHE B 47 10.38 -23.89 -20.40
N SER B 48 9.45 -24.66 -20.98
CA SER B 48 9.79 -25.59 -22.06
C SER B 48 10.41 -24.89 -23.29
N CYS B 49 9.89 -23.71 -23.61
CA CYS B 49 10.34 -23.00 -24.79
C CYS B 49 11.77 -22.49 -24.58
N ILE B 50 12.00 -21.86 -23.42
CA ILE B 50 13.34 -21.34 -23.14
C ILE B 50 14.38 -22.44 -22.94
N ARG B 51 13.97 -23.59 -22.41
CA ARG B 51 14.88 -24.72 -22.29
C ARG B 51 15.32 -25.22 -23.66
N ARG B 52 14.36 -25.38 -24.57
CA ARG B 52 14.66 -25.87 -25.90
C ARG B 52 15.54 -24.87 -26.65
N TRP B 53 15.21 -23.58 -26.54
CA TRP B 53 16.01 -22.55 -27.18
C TRP B 53 17.48 -22.67 -26.75
N LEU B 54 17.70 -22.69 -25.43
CA LEU B 54 19.05 -22.72 -24.88
C LEU B 54 19.81 -23.99 -25.19
N THR B 55 19.06 -25.02 -25.58
CA THR B 55 19.59 -26.36 -25.79
C THR B 55 19.85 -26.66 -27.25
N GLU B 56 18.99 -26.15 -28.13
CA GLU B 56 19.02 -26.50 -29.54
C GLU B 56 19.36 -25.29 -30.42
N GLN B 57 19.23 -24.10 -29.88
CA GLN B 57 19.55 -22.89 -30.63
C GLN B 57 20.88 -22.27 -30.21
N ARG B 58 20.91 -21.62 -29.05
CA ARG B 58 22.10 -20.94 -28.58
C ARG B 58 21.94 -20.60 -27.10
N ALA B 59 23.05 -20.62 -26.36
CA ALA B 59 23.00 -20.28 -24.94
C ALA B 59 22.88 -18.77 -24.72
N GLN B 60 21.85 -18.17 -25.32
CA GLN B 60 21.59 -16.75 -25.11
C GLN B 60 20.10 -16.48 -25.07
N CYS B 61 19.70 -15.42 -24.39
CA CYS B 61 18.31 -15.03 -24.37
C CYS B 61 17.86 -14.74 -25.81
N PRO B 62 16.70 -15.27 -26.22
CA PRO B 62 16.23 -15.09 -27.60
C PRO B 62 15.98 -13.62 -27.91
N HIS B 63 15.85 -12.81 -26.87
CA HIS B 63 15.50 -11.41 -27.08
C HIS B 63 16.67 -10.43 -26.94
N CYS B 64 17.30 -10.40 -25.77
CA CYS B 64 18.36 -9.43 -25.51
C CYS B 64 19.70 -9.98 -26.00
N ARG B 65 19.75 -11.28 -26.23
CA ARG B 65 20.97 -11.93 -26.67
C ARG B 65 22.03 -12.11 -25.57
N ALA B 66 21.73 -11.71 -24.35
CA ALA B 66 22.68 -11.94 -23.24
C ALA B 66 22.90 -13.43 -23.09
N PRO B 67 24.11 -13.82 -22.67
CA PRO B 67 24.38 -15.25 -22.38
C PRO B 67 23.55 -15.74 -21.20
N LEU B 68 22.79 -16.81 -21.37
CA LEU B 68 21.98 -17.38 -20.29
C LEU B 68 22.31 -18.85 -20.13
N GLN B 69 22.33 -19.30 -18.88
CA GLN B 69 22.19 -20.71 -18.61
C GLN B 69 20.78 -20.87 -18.06
N LEU B 70 20.23 -22.07 -18.17
CA LEU B 70 18.85 -22.34 -17.76
C LEU B 70 18.61 -21.96 -16.29
N ARG B 71 19.60 -22.19 -15.45
CA ARG B 71 19.45 -21.93 -14.02
C ARG B 71 19.36 -20.44 -13.67
N GLU B 72 19.87 -19.56 -14.53
CA GLU B 72 19.86 -18.13 -14.22
C GLU B 72 18.48 -17.54 -14.43
N LEU B 73 17.57 -18.32 -15.01
CA LEU B 73 16.24 -17.80 -15.31
C LEU B 73 15.46 -17.63 -14.02
N VAL B 74 14.69 -16.57 -13.95
CA VAL B 74 13.86 -16.32 -12.79
C VAL B 74 12.49 -16.94 -12.98
N ASN B 75 12.02 -17.63 -11.94
CA ASN B 75 10.71 -18.24 -11.96
C ASN B 75 9.71 -17.14 -11.68
N CYS B 76 8.86 -16.83 -12.66
CA CYS B 76 7.85 -15.81 -12.42
C CYS B 76 6.60 -16.47 -11.81
N ARG B 77 6.49 -16.41 -10.50
CA ARG B 77 5.57 -17.30 -9.78
C ARG B 77 4.10 -16.90 -9.85
N TRP B 78 3.85 -15.62 -10.09
CA TRP B 78 2.49 -15.10 -10.19
C TRP B 78 2.02 -14.99 -11.64
N ALA B 79 2.89 -15.37 -12.58
CA ALA B 79 2.50 -15.30 -13.99
C ALA B 79 1.25 -16.15 -14.27
N GLU B 80 1.23 -17.36 -13.73
CA GLU B 80 0.09 -18.26 -13.90
C GLU B 80 -1.18 -17.64 -13.33
N GLU B 81 -1.06 -16.98 -12.20
CA GLU B 81 -2.20 -16.31 -11.59
C GLU B 81 -2.67 -15.17 -12.49
N VAL B 82 -1.76 -14.26 -12.81
CA VAL B 82 -2.06 -13.12 -13.68
C VAL B 82 -2.72 -13.58 -14.99
N THR B 83 -2.25 -14.72 -15.51
CA THR B 83 -2.74 -15.23 -16.79
C THR B 83 -4.17 -15.75 -16.72
N GLN B 84 -4.48 -16.53 -15.68
CA GLN B 84 -5.83 -17.04 -15.52
C GLN B 84 -6.85 -15.90 -15.35
N GLN B 85 -6.40 -14.79 -14.77
CA GLN B 85 -7.24 -13.59 -14.65
C GLN B 85 -7.25 -12.85 -15.97
N LEU B 86 -6.34 -13.22 -16.85
CA LEU B 86 -6.27 -12.66 -18.18
C LEU B 86 -7.17 -13.46 -19.13
N ASP B 87 -7.22 -14.77 -18.92
CA ASP B 87 -8.15 -15.64 -19.66
C ASP B 87 -9.55 -15.08 -19.46
N THR B 88 -9.86 -14.74 -18.20
CA THR B 88 -11.09 -14.06 -17.85
C THR B 88 -11.10 -12.66 -18.45
N LEU B 89 -11.11 -12.58 -19.79
CA LEU B 89 -11.04 -11.29 -20.48
C LEU B 89 -12.33 -10.51 -20.31
N ASP C 12 -14.21 -7.29 -15.63
CA ASP C 12 -14.40 -7.36 -14.18
C ASP C 12 -13.20 -6.83 -13.40
N GLU C 13 -13.45 -6.25 -12.23
CA GLU C 13 -12.38 -5.66 -11.43
C GLU C 13 -11.92 -6.51 -10.25
N GLN C 14 -12.79 -7.39 -9.73
CA GLN C 14 -12.35 -8.28 -8.68
C GLN C 14 -11.20 -9.11 -9.23
N SER C 15 -11.17 -9.20 -10.56
CA SER C 15 -10.11 -9.89 -11.28
C SER C 15 -9.01 -8.90 -11.67
N VAL C 16 -9.41 -7.65 -11.92
CA VAL C 16 -8.45 -6.59 -12.21
C VAL C 16 -7.65 -6.22 -10.97
N GLU C 17 -8.32 -6.19 -9.82
CA GLU C 17 -7.68 -5.93 -8.54
C GLU C 17 -6.61 -6.99 -8.23
N SER C 18 -6.95 -8.26 -8.47
CA SER C 18 -5.99 -9.34 -8.30
C SER C 18 -4.72 -9.10 -9.12
N ILE C 19 -4.89 -8.55 -10.32
CA ILE C 19 -3.76 -8.20 -11.16
C ILE C 19 -3.02 -6.95 -10.66
N ALA C 20 -3.79 -5.93 -10.28
CA ALA C 20 -3.22 -4.69 -9.77
C ALA C 20 -2.48 -4.95 -8.47
N GLU C 21 -2.98 -5.91 -7.71
CA GLU C 21 -2.37 -6.32 -6.45
C GLU C 21 -0.97 -6.83 -6.71
N VAL C 22 -0.85 -7.62 -7.77
CA VAL C 22 0.43 -8.18 -8.19
C VAL C 22 1.40 -7.07 -8.60
N PHE C 23 0.87 -5.93 -9.05
CA PHE C 23 1.71 -4.85 -9.56
C PHE C 23 1.82 -3.64 -8.62
N ARG C 24 1.51 -3.87 -7.35
CA ARG C 24 1.80 -2.90 -6.32
C ARG C 24 3.10 -3.28 -5.65
N CYS C 25 3.91 -2.27 -5.34
CA CYS C 25 5.14 -2.49 -4.64
C CYS C 25 4.82 -3.16 -3.32
N PHE C 26 5.52 -4.25 -3.01
CA PHE C 26 5.27 -5.00 -1.79
C PHE C 26 5.81 -4.34 -0.53
N ILE C 27 6.61 -3.30 -0.68
CA ILE C 27 7.10 -2.54 0.46
C ILE C 27 6.15 -1.36 0.74
N CYS C 28 6.06 -0.42 -0.20
CA CYS C 28 5.27 0.80 0.01
C CYS C 28 3.75 0.63 -0.22
N GLU C 30 2.22 0.82 -2.91
CA GLU C 30 1.73 1.72 -3.96
C GLU C 30 1.97 1.14 -5.35
N LYS C 31 1.50 1.87 -6.36
CA LYS C 31 1.77 1.52 -7.76
C LYS C 31 3.26 1.56 -8.01
N LEU C 32 3.75 0.69 -8.90
CA LEU C 32 5.19 0.58 -9.08
C LEU C 32 5.79 1.81 -9.73
N ARG C 33 6.89 2.29 -9.16
CA ARG C 33 7.63 3.34 -9.81
C ARG C 33 9.06 2.88 -9.98
N ASP C 34 9.47 2.65 -11.23
CA ASP C 34 10.80 2.15 -11.52
C ASP C 34 10.90 0.71 -10.99
N ALA C 35 9.94 -0.13 -11.38
CA ALA C 35 9.84 -1.50 -10.83
C ALA C 35 11.13 -2.31 -10.93
N ARG C 36 11.44 -2.96 -9.82
CA ARG C 36 12.46 -3.97 -9.78
C ARG C 36 11.76 -5.22 -9.27
N LEU C 37 12.38 -6.37 -9.53
CA LEU C 37 11.82 -7.66 -9.21
C LEU C 37 12.86 -8.47 -8.46
N CYS C 38 12.42 -9.18 -7.43
CA CYS C 38 13.33 -10.03 -6.65
C CYS C 38 13.58 -11.34 -7.38
N PRO C 39 14.86 -11.65 -7.62
CA PRO C 39 15.23 -12.82 -8.40
C PRO C 39 14.82 -14.12 -7.70
N HIS C 40 14.55 -14.05 -6.40
CA HIS C 40 14.31 -15.25 -5.60
C HIS C 40 12.83 -15.61 -5.46
N CYS C 41 11.96 -14.62 -5.38
CA CYS C 41 10.53 -14.92 -5.23
C CYS C 41 9.71 -14.22 -6.30
N SER C 42 10.39 -13.41 -7.11
CA SER C 42 9.80 -12.71 -8.25
C SER C 42 8.85 -11.56 -7.92
N LYS C 43 8.62 -11.27 -6.64
CA LYS C 43 7.81 -10.11 -6.24
C LYS C 43 8.42 -8.79 -6.71
N LEU C 44 7.55 -7.82 -7.00
CA LEU C 44 7.95 -6.51 -7.52
C LEU C 44 7.94 -5.38 -6.47
N CYS C 45 8.94 -4.51 -6.55
CA CYS C 45 9.18 -3.43 -5.58
C CYS C 45 9.64 -2.20 -6.35
N CYS C 46 9.27 -1.00 -5.89
CA CYS C 46 9.86 0.23 -6.46
C CYS C 46 11.39 0.18 -6.30
N PHE C 47 12.13 0.72 -7.25
CA PHE C 47 13.59 0.73 -7.11
C PHE C 47 14.00 1.43 -5.82
N SER C 48 13.41 2.59 -5.55
CA SER C 48 13.77 3.37 -4.36
C SER C 48 13.49 2.63 -3.07
N CYS C 49 12.32 1.98 -3.00
CA CYS C 49 11.93 1.29 -1.77
C CYS C 49 12.93 0.21 -1.42
N ILE C 50 13.20 -0.67 -2.38
CA ILE C 50 14.12 -1.76 -2.13
C ILE C 50 15.53 -1.22 -1.81
N ARG C 51 15.90 -0.13 -2.48
CA ARG C 51 17.20 0.49 -2.25
C ARG C 51 17.29 0.85 -0.77
N ARG C 52 16.40 1.74 -0.33
CA ARG C 52 16.36 2.15 1.07
C ARG C 52 16.29 0.96 2.02
N TRP C 53 15.58 -0.09 1.61
CA TRP C 53 15.35 -1.20 2.52
C TRP C 53 16.60 -1.98 2.80
N LEU C 54 17.39 -2.22 1.77
CA LEU C 54 18.62 -2.95 1.96
C LEU C 54 19.58 -2.09 2.76
N THR C 55 19.35 -0.78 2.68
CA THR C 55 20.28 0.22 3.19
C THR C 55 19.89 0.82 4.55
N GLU C 56 18.70 0.50 5.04
CA GLU C 56 18.20 1.03 6.31
C GLU C 56 17.41 0.01 7.08
N GLN C 57 17.51 -1.26 6.72
CA GLN C 57 16.62 -2.27 7.27
C GLN C 57 17.37 -3.59 7.41
N ARG C 58 17.18 -4.50 6.47
CA ARG C 58 17.97 -5.73 6.45
C ARG C 58 18.39 -6.05 5.01
N ALA C 59 19.51 -6.75 4.87
CA ALA C 59 20.03 -7.11 3.56
C ALA C 59 19.27 -8.32 3.00
N GLN C 60 17.95 -8.19 2.90
CA GLN C 60 17.12 -9.28 2.44
C GLN C 60 15.83 -8.77 1.80
N CYS C 61 15.21 -9.65 1.05
CA CYS C 61 13.94 -9.34 0.44
C CYS C 61 12.89 -9.32 1.54
N PRO C 62 12.21 -8.19 1.70
CA PRO C 62 11.20 -8.07 2.76
C PRO C 62 9.95 -8.92 2.49
N HIS C 63 9.96 -9.76 1.46
CA HIS C 63 8.89 -10.75 1.27
C HIS C 63 9.42 -12.19 1.28
N CYS C 64 10.49 -12.40 0.53
CA CYS C 64 11.05 -13.73 0.38
C CYS C 64 11.86 -14.02 1.65
N ARG C 65 12.28 -12.94 2.30
CA ARG C 65 13.21 -13.02 3.42
C ARG C 65 14.55 -13.55 2.95
N ALA C 66 14.63 -13.93 1.67
CA ALA C 66 15.89 -14.34 1.06
C ALA C 66 16.90 -13.20 1.04
N PRO C 67 18.20 -13.55 1.15
CA PRO C 67 19.29 -12.56 1.21
C PRO C 67 19.43 -11.78 -0.10
N LEU C 68 19.55 -10.46 0.00
CA LEU C 68 19.46 -9.64 -1.21
C LEU C 68 20.49 -8.52 -1.30
N GLN C 69 21.14 -8.44 -2.46
CA GLN C 69 22.02 -7.32 -2.81
C GLN C 69 21.45 -6.53 -3.98
N LEU C 70 21.76 -5.24 -4.02
CA LEU C 70 21.17 -4.34 -5.01
C LEU C 70 21.40 -4.79 -6.47
N ARG C 71 22.60 -5.31 -6.76
CA ARG C 71 22.93 -5.76 -8.10
C ARG C 71 22.08 -6.96 -8.53
N GLU C 72 21.44 -7.60 -7.57
CA GLU C 72 20.64 -8.80 -7.82
C GLU C 72 19.24 -8.47 -8.33
N LEU C 73 18.84 -7.22 -8.22
CA LEU C 73 17.50 -6.84 -8.61
C LEU C 73 17.40 -6.90 -10.10
N VAL C 74 16.31 -7.47 -10.59
CA VAL C 74 16.06 -7.54 -12.02
C VAL C 74 15.21 -6.34 -12.43
N ASN C 75 15.63 -5.63 -13.48
CA ASN C 75 14.86 -4.49 -13.95
C ASN C 75 13.66 -4.94 -14.75
N CYS C 76 12.48 -4.72 -14.20
CA CYS C 76 11.25 -5.11 -14.86
C CYS C 76 10.86 -4.00 -15.85
N ARG C 77 11.13 -4.25 -17.13
CA ARG C 77 10.95 -3.24 -18.18
C ARG C 77 9.51 -3.06 -18.64
N TRP C 78 8.70 -4.10 -18.52
CA TRP C 78 7.34 -4.07 -19.01
C TRP C 78 6.39 -3.59 -17.92
N ALA C 79 6.93 -3.41 -16.71
CA ALA C 79 6.07 -3.05 -15.59
C ALA C 79 5.41 -1.68 -15.76
N GLU C 80 6.14 -0.73 -16.35
CA GLU C 80 5.59 0.60 -16.59
C GLU C 80 4.41 0.49 -17.53
N GLU C 81 4.61 -0.22 -18.64
CA GLU C 81 3.56 -0.41 -19.63
C GLU C 81 2.36 -1.00 -18.92
N VAL C 82 2.56 -2.15 -18.30
CA VAL C 82 1.46 -2.82 -17.64
C VAL C 82 0.75 -1.83 -16.73
N THR C 83 1.51 -1.23 -15.82
CA THR C 83 0.97 -0.28 -14.85
C THR C 83 0.13 0.85 -15.48
N GLN C 84 0.61 1.38 -16.61
CA GLN C 84 -0.15 2.37 -17.37
C GLN C 84 -1.52 1.84 -17.80
N GLN C 85 -1.54 0.62 -18.30
CA GLN C 85 -2.78 0.00 -18.80
C GLN C 85 -3.79 -0.25 -17.69
N LEU C 86 -3.29 -0.58 -16.50
CA LEU C 86 -4.15 -0.76 -15.34
C LEU C 86 -4.84 0.55 -15.02
N ASP C 87 -4.11 1.66 -15.16
CA ASP C 87 -4.64 3.00 -14.93
C ASP C 87 -5.75 3.32 -15.93
N THR C 88 -5.57 2.90 -17.17
CA THR C 88 -6.51 3.17 -18.25
C THR C 88 -7.80 2.37 -18.12
N LEU C 89 -7.82 1.36 -17.25
CA LEU C 89 -9.01 0.55 -17.07
C LEU C 89 -9.47 0.47 -15.62
N GLN C 90 -8.78 1.16 -14.72
CA GLN C 90 -9.18 1.21 -13.32
C GLN C 90 -10.34 2.18 -13.16
N LEU C 91 -10.41 3.15 -14.06
CA LEU C 91 -11.48 4.13 -14.07
C LEU C 91 -12.74 3.59 -14.75
N CYS C 92 -13.80 3.42 -13.95
CA CYS C 92 -15.12 2.98 -14.41
C CYS C 92 -15.72 1.93 -13.45
N ASP D 12 -4.54 29.02 22.94
CA ASP D 12 -4.01 28.30 24.08
C ASP D 12 -2.88 27.36 23.67
N GLU D 13 -1.72 27.51 24.29
CA GLU D 13 -0.57 26.70 23.96
C GLU D 13 -0.75 25.23 24.32
N GLN D 14 -1.42 24.97 25.44
CA GLN D 14 -1.62 23.60 25.90
C GLN D 14 -2.73 22.86 25.16
N SER D 15 -3.72 23.60 24.67
CA SER D 15 -4.75 22.99 23.82
C SER D 15 -4.06 22.43 22.59
N VAL D 16 -3.24 23.26 21.96
CA VAL D 16 -2.51 22.88 20.76
C VAL D 16 -1.56 21.73 21.04
N GLU D 17 -0.90 21.77 22.19
CA GLU D 17 0.08 20.75 22.53
C GLU D 17 -0.61 19.42 22.80
N SER D 18 -1.75 19.46 23.49
CA SER D 18 -2.56 18.26 23.64
C SER D 18 -2.80 17.62 22.27
N ILE D 19 -3.24 18.41 21.30
CA ILE D 19 -3.55 17.83 19.98
C ILE D 19 -2.30 17.27 19.33
N ALA D 20 -1.19 18.00 19.42
CA ALA D 20 0.09 17.55 18.86
C ALA D 20 0.58 16.22 19.46
N GLU D 21 0.32 16.00 20.75
CA GLU D 21 0.71 14.73 21.36
C GLU D 21 0.03 13.56 20.64
N VAL D 22 -1.25 13.72 20.34
CA VAL D 22 -1.99 12.67 19.65
C VAL D 22 -1.30 12.30 18.34
N PHE D 23 -0.76 13.31 17.65
CA PHE D 23 -0.18 13.13 16.32
C PHE D 23 1.34 13.02 16.32
N ARG D 24 1.88 12.44 17.39
CA ARG D 24 3.27 12.05 17.40
C ARG D 24 3.32 10.54 17.38
N CYS D 25 4.39 10.00 16.82
CA CYS D 25 4.49 8.58 16.64
C CYS D 25 4.73 7.92 18.01
N PHE D 26 3.90 6.94 18.34
CA PHE D 26 4.04 6.28 19.66
C PHE D 26 5.43 5.63 19.84
N ILE D 27 6.04 5.18 18.75
CA ILE D 27 7.32 4.49 18.84
C ILE D 27 8.53 5.44 18.86
N CYS D 28 8.64 6.33 17.88
CA CYS D 28 9.86 7.15 17.77
C CYS D 28 9.67 8.57 18.29
N GLU D 30 8.54 11.16 16.95
CA GLU D 30 8.63 12.25 15.97
C GLU D 30 7.26 12.49 15.33
N LYS D 31 7.18 13.43 14.39
CA LYS D 31 5.93 13.64 13.67
C LYS D 31 5.70 12.42 12.81
N LEU D 32 4.45 12.13 12.49
CA LEU D 32 4.16 10.89 11.76
C LEU D 32 4.60 10.97 10.31
N ARG D 33 5.15 9.87 9.81
CA ARG D 33 5.43 9.75 8.39
C ARG D 33 4.66 8.56 7.88
N ASP D 34 3.78 8.77 6.92
CA ASP D 34 2.86 7.72 6.44
C ASP D 34 2.15 7.07 7.62
N ALA D 35 1.50 7.91 8.42
CA ALA D 35 0.85 7.49 9.65
C ALA D 35 -0.01 6.24 9.49
N ARG D 36 0.17 5.30 10.39
CA ARG D 36 -0.71 4.13 10.53
C ARG D 36 -1.31 4.15 11.91
N LEU D 37 -2.47 3.52 12.03
CA LEU D 37 -3.19 3.51 13.29
C LEU D 37 -3.49 2.04 13.73
N CYS D 38 -3.27 1.74 15.01
CA CYS D 38 -3.64 0.43 15.54
C CYS D 38 -5.14 0.38 15.70
N PRO D 39 -5.79 -0.55 14.99
CA PRO D 39 -7.24 -0.82 15.02
C PRO D 39 -7.79 -1.04 16.43
N HIS D 40 -6.93 -1.38 17.39
CA HIS D 40 -7.43 -1.86 18.68
C HIS D 40 -7.42 -0.75 19.70
N CYS D 41 -6.42 0.10 19.64
CA CYS D 41 -6.39 1.23 20.56
C CYS D 41 -6.31 2.56 19.84
N SER D 42 -6.25 2.50 18.51
CA SER D 42 -6.19 3.69 17.68
C SER D 42 -5.02 4.66 18.01
N LYS D 43 -3.93 4.15 18.59
CA LYS D 43 -2.67 4.92 18.65
C LYS D 43 -2.03 4.93 17.26
N LEU D 44 -1.39 6.07 16.94
CA LEU D 44 -0.76 6.29 15.62
C LEU D 44 0.76 6.10 15.64
N CYS D 45 1.28 5.47 14.59
CA CYS D 45 2.71 5.28 14.37
C CYS D 45 3.11 5.53 12.92
N CYS D 46 4.35 5.97 12.70
CA CYS D 46 4.91 6.00 11.33
C CYS D 46 4.86 4.56 10.80
N PHE D 47 4.46 4.42 9.54
CA PHE D 47 4.42 3.12 8.87
C PHE D 47 5.70 2.36 9.13
N SER D 48 6.82 2.98 8.79
CA SER D 48 8.12 2.34 8.92
C SER D 48 8.41 1.91 10.36
N CYS D 49 8.08 2.76 11.34
CA CYS D 49 8.30 2.40 12.74
C CYS D 49 7.51 1.16 13.18
N ILE D 50 6.20 1.15 12.91
CA ILE D 50 5.36 0.03 13.37
C ILE D 50 5.69 -1.27 12.63
N ARG D 51 6.08 -1.17 11.37
CA ARG D 51 6.45 -2.38 10.65
C ARG D 51 7.74 -2.95 11.24
N ARG D 52 8.69 -2.10 11.58
CA ARG D 52 9.92 -2.56 12.19
CA ARG D 52 9.92 -2.59 12.19
C ARG D 52 9.57 -3.23 13.51
N TRP D 53 8.76 -2.54 14.31
CA TRP D 53 8.35 -3.07 15.59
C TRP D 53 7.76 -4.48 15.44
N LEU D 54 6.84 -4.66 14.51
CA LEU D 54 6.16 -5.95 14.36
C LEU D 54 7.10 -7.07 13.95
N THR D 55 8.10 -6.72 13.13
CA THR D 55 9.15 -7.68 12.75
C THR D 55 10.14 -7.99 13.88
N GLU D 56 10.65 -6.95 14.53
CA GLU D 56 11.66 -7.10 15.58
C GLU D 56 11.11 -7.58 16.91
N GLN D 57 10.02 -6.96 17.35
CA GLN D 57 9.40 -7.30 18.63
C GLN D 57 8.28 -8.29 18.38
N ARG D 58 7.65 -8.77 19.45
CA ARG D 58 6.50 -9.64 19.27
C ARG D 58 5.50 -8.88 18.40
N ALA D 59 4.67 -9.61 17.65
CA ALA D 59 3.68 -8.95 16.80
C ALA D 59 2.50 -8.44 17.63
N GLN D 60 2.81 -7.54 18.56
CA GLN D 60 1.80 -6.92 19.40
C GLN D 60 1.90 -5.40 19.28
N CYS D 61 0.78 -4.70 19.34
CA CYS D 61 0.87 -3.26 19.29
C CYS D 61 1.72 -2.84 20.47
N PRO D 62 2.71 -1.97 20.20
CA PRO D 62 3.58 -1.46 21.28
C PRO D 62 2.79 -0.72 22.35
N HIS D 63 1.47 -0.59 22.19
CA HIS D 63 0.61 0.04 23.20
C HIS D 63 -0.58 -0.85 23.65
N CYS D 64 -1.45 -1.23 22.72
CA CYS D 64 -2.56 -2.14 23.04
C CYS D 64 -2.00 -3.49 23.52
N ARG D 65 -0.73 -3.74 23.19
CA ARG D 65 -0.11 -5.05 23.40
C ARG D 65 -0.89 -6.20 22.76
N ALA D 66 -1.90 -5.86 21.97
CA ALA D 66 -2.76 -6.86 21.36
C ALA D 66 -2.16 -7.40 20.08
N PRO D 67 -2.55 -8.61 19.68
CA PRO D 67 -2.02 -9.13 18.43
C PRO D 67 -2.30 -8.13 17.35
N LEU D 68 -1.28 -7.79 16.57
CA LEU D 68 -1.40 -6.82 15.50
C LEU D 68 -0.50 -7.30 14.39
N GLN D 69 -1.02 -7.35 13.17
CA GLN D 69 -0.19 -7.68 12.03
C GLN D 69 -0.21 -6.53 11.06
N LEU D 70 0.78 -6.53 10.16
CA LEU D 70 0.95 -5.48 9.17
C LEU D 70 -0.35 -5.06 8.47
N ARG D 71 -1.19 -6.04 8.15
CA ARG D 71 -2.38 -5.79 7.35
C ARG D 71 -3.53 -5.13 8.11
N GLU D 72 -3.65 -5.41 9.39
CA GLU D 72 -4.71 -4.80 10.19
C GLU D 72 -4.50 -3.29 10.34
N LEU D 73 -3.35 -2.80 9.86
CA LEU D 73 -2.95 -1.41 10.08
C LEU D 73 -3.74 -0.44 9.21
N VAL D 74 -4.37 0.54 9.85
CA VAL D 74 -5.10 1.55 9.12
C VAL D 74 -4.20 2.66 8.58
N ASN D 75 -4.27 2.89 7.29
CA ASN D 75 -3.61 4.02 6.64
C ASN D 75 -4.39 5.31 6.93
N CYS D 76 -3.82 6.20 7.74
CA CYS D 76 -4.50 7.45 8.07
C CYS D 76 -4.20 8.50 7.01
N ARG D 77 -5.09 8.60 6.04
CA ARG D 77 -4.83 9.42 4.85
CA ARG D 77 -4.83 9.42 4.85
C ARG D 77 -4.86 10.91 5.14
N TRP D 78 -5.57 11.31 6.19
CA TRP D 78 -5.69 12.70 6.58
C TRP D 78 -4.57 13.11 7.54
N ALA D 79 -3.73 12.17 7.94
CA ALA D 79 -2.77 12.49 8.99
C ALA D 79 -1.76 13.56 8.55
N GLU D 80 -1.30 13.47 7.30
CA GLU D 80 -0.28 14.40 6.81
C GLU D 80 -0.83 15.82 6.84
N GLU D 81 -2.03 15.98 6.30
CA GLU D 81 -2.73 17.27 6.34
C GLU D 81 -2.66 17.83 7.75
N VAL D 82 -3.15 17.04 8.73
CA VAL D 82 -3.22 17.51 10.11
C VAL D 82 -1.82 17.84 10.62
N THR D 83 -0.85 17.00 10.30
CA THR D 83 0.52 17.22 10.74
C THR D 83 0.99 18.59 10.22
N GLN D 84 0.71 18.87 8.94
CA GLN D 84 1.13 20.14 8.34
C GLN D 84 0.51 21.34 9.02
N GLN D 85 -0.78 21.26 9.32
CA GLN D 85 -1.50 22.33 10.02
C GLN D 85 -0.98 22.56 11.43
N LEU D 86 -0.77 21.47 12.16
CA LEU D 86 -0.15 21.52 13.48
C LEU D 86 1.17 22.29 13.45
N ASP D 87 1.97 22.00 12.43
CA ASP D 87 3.24 22.68 12.26
C ASP D 87 3.04 24.19 12.20
N THR D 88 2.11 24.62 11.35
CA THR D 88 1.75 26.04 11.26
C THR D 88 1.24 26.60 12.59
N LEU D 89 0.39 25.83 13.28
CA LEU D 89 -0.11 26.26 14.58
C LEU D 89 1.03 26.47 15.58
N GLN D 90 1.96 25.51 15.63
CA GLN D 90 3.07 25.60 16.56
C GLN D 90 3.95 26.80 16.22
N LEU D 91 4.09 27.09 14.93
CA LEU D 91 4.85 28.25 14.48
C LEU D 91 4.22 29.52 15.04
N CYS D 92 2.90 29.54 15.10
CA CYS D 92 2.16 30.70 15.60
C CYS D 92 2.35 31.01 17.10
N SER D 93 3.52 30.67 17.64
CA SER D 93 3.93 31.18 18.95
C SER D 93 4.42 32.62 18.77
N LEU D 94 5.14 32.84 17.67
CA LEU D 94 5.58 34.17 17.24
C LEU D 94 6.51 34.85 18.23
#